data_2PAR
#
_entry.id   2PAR
#
_cell.length_a   136.136
_cell.length_b   136.136
_cell.length_c   55.418
_cell.angle_alpha   90.00
_cell.angle_beta   90.00
_cell.angle_gamma   120.00
#
_symmetry.space_group_name_H-M   'H 3'
#
loop_
_entity.id
_entity.type
_entity.pdbx_description
1 polymer "5'-deoxynucleotidase YfbR"
2 non-polymer 'COBALT (II) ION'
3 non-polymer "THYMIDINE-5'-PHOSPHATE"
4 non-polymer DI(HYDROXYETHYL)ETHER
5 water water
#
_entity_poly.entity_id   1
_entity_poly.type   'polypeptide(L)'
_entity_poly.pdbx_seq_one_letter_code
;GHMKQSHFFAHLSRLKLINRWPLMRNVRTENVSEHSLQVAMVAHALAAIKNRKFGGNVNAERIALLAMYHDASAVLTGDL
PTPVKYFNSQIAQEYKAIEKIAQQKLVDMVPEELRDIFAPLIDEHAYSDEEKSLVKQADALCAYLKCLEELAAGNNEFLL
AKTRLEATLEARRSQEMDYFMEIFVPSFHLSLDEISQDSPL
;
_entity_poly.pdbx_strand_id   A,B
#
# COMPACT_ATOMS: atom_id res chain seq x y z
N LYS A 4 -23.37 3.87 -15.33
CA LYS A 4 -22.17 2.98 -15.36
C LYS A 4 -21.50 2.90 -13.99
N GLN A 5 -21.74 1.78 -13.31
CA GLN A 5 -20.86 1.33 -12.27
C GLN A 5 -19.65 0.66 -12.90
N SER A 6 -18.57 0.61 -12.12
CA SER A 6 -17.30 0.09 -12.55
C SER A 6 -16.86 -1.00 -11.56
N HIS A 7 -16.31 -2.08 -12.09
CA HIS A 7 -15.83 -3.19 -11.30
C HIS A 7 -14.38 -2.97 -10.93
N PHE A 8 -13.85 -1.79 -11.22
CA PHE A 8 -12.41 -1.48 -11.05
C PHE A 8 -11.87 -1.67 -9.63
N PHE A 9 -12.52 -1.03 -8.67
CA PHE A 9 -12.11 -1.18 -7.28
C PHE A 9 -12.48 -2.56 -6.66
N ALA A 10 -13.62 -3.09 -7.08
CA ALA A 10 -13.96 -4.49 -6.75
C ALA A 10 -12.77 -5.38 -7.13
N HIS A 11 -12.24 -5.24 -8.34
CA HIS A 11 -11.05 -6.02 -8.75
C HIS A 11 -9.77 -5.69 -8.02
N LEU A 12 -9.48 -4.41 -7.77
CA LEU A 12 -8.27 -4.07 -6.99
C LEU A 12 -8.30 -4.67 -5.59
N SER A 13 -9.49 -4.75 -4.99
CA SER A 13 -9.61 -5.32 -3.66
C SER A 13 -9.20 -6.81 -3.62
N ARG A 14 -9.18 -7.44 -4.78
CA ARG A 14 -8.75 -8.83 -4.90
C ARG A 14 -7.24 -9.03 -4.95
N LEU A 15 -6.48 -7.98 -5.08
CA LEU A 15 -5.00 -8.13 -4.97
C LEU A 15 -4.59 -8.99 -3.78
N LYS A 16 -5.27 -8.83 -2.65
CA LYS A 16 -4.92 -9.55 -1.44
C LYS A 16 -5.05 -11.07 -1.57
N LEU A 17 -5.77 -11.51 -2.58
CA LEU A 17 -6.00 -12.90 -2.82
C LEU A 17 -4.90 -13.62 -3.59
N ILE A 18 -4.07 -12.91 -4.34
CA ILE A 18 -3.14 -13.54 -5.27
C ILE A 18 -1.84 -13.77 -4.50
N ASN A 19 -1.40 -15.01 -4.42
CA ASN A 19 -0.21 -15.38 -3.70
C ASN A 19 1.05 -15.41 -4.55
N ARG A 20 2.15 -14.99 -3.93
CA ARG A 20 3.45 -15.02 -4.56
C ARG A 20 4.29 -16.21 -4.11
N TRP A 21 5.45 -16.38 -4.77
CA TRP A 21 6.37 -17.51 -4.59
C TRP A 21 5.69 -18.90 -4.52
N PRO A 22 4.89 -19.23 -5.52
CA PRO A 22 4.12 -20.44 -5.41
C PRO A 22 4.93 -21.71 -5.56
N LEU A 23 6.18 -21.66 -6.03
CA LEU A 23 6.90 -22.91 -6.33
C LEU A 23 7.68 -23.45 -5.14
N MET A 24 7.70 -22.70 -4.05
CA MET A 24 8.42 -23.16 -2.84
C MET A 24 7.52 -23.19 -1.67
N ARG A 25 7.97 -23.89 -0.62
CA ARG A 25 7.37 -23.78 0.70
C ARG A 25 7.69 -22.41 1.27
N ASN A 26 6.67 -21.76 1.82
CA ASN A 26 6.77 -20.47 2.48
C ASN A 26 6.38 -20.67 3.94
N VAL A 27 7.14 -20.08 4.85
CA VAL A 27 6.77 -20.04 6.25
C VAL A 27 5.57 -19.12 6.39
N ARG A 28 5.50 -18.09 5.56
CA ARG A 28 4.41 -17.18 5.57
C ARG A 28 4.13 -16.84 4.14
N THR A 29 2.91 -17.07 3.69
CA THR A 29 2.62 -16.78 2.30
C THR A 29 2.44 -15.29 2.12
N GLU A 30 3.01 -14.74 1.06
CA GLU A 30 2.93 -13.32 0.75
C GLU A 30 1.95 -13.11 -0.37
N ASN A 31 1.09 -12.09 -0.30
CA ASN A 31 0.18 -11.78 -1.43
C ASN A 31 0.57 -10.49 -2.17
N VAL A 32 -0.10 -10.23 -3.29
CA VAL A 32 0.34 -9.12 -4.16
C VAL A 32 0.11 -7.80 -3.47
N SER A 33 -0.87 -7.78 -2.58
CA SER A 33 -1.22 -6.57 -1.88
C SER A 33 -0.16 -6.13 -0.85
N GLU A 34 0.23 -7.06 0.01
CA GLU A 34 1.41 -6.94 0.89
C GLU A 34 2.66 -6.49 0.15
N HIS A 35 3.01 -7.20 -0.89
CA HIS A 35 4.12 -6.86 -1.79
C HIS A 35 4.11 -5.41 -2.34
N SER A 36 2.97 -5.01 -2.88
CA SER A 36 2.78 -3.72 -3.49
C SER A 36 2.96 -2.57 -2.50
N LEU A 37 2.38 -2.68 -1.30
CA LEU A 37 2.61 -1.68 -0.24
C LEU A 37 4.08 -1.65 0.09
N GLN A 38 4.70 -2.80 0.16
CA GLN A 38 6.08 -2.81 0.51
C GLN A 38 6.97 -2.20 -0.59
N VAL A 39 6.63 -2.44 -1.85
CA VAL A 39 7.47 -1.93 -2.94
C VAL A 39 7.30 -0.38 -3.03
N ALA A 40 6.11 0.07 -2.78
CA ALA A 40 5.78 1.49 -2.65
C ALA A 40 6.49 2.21 -1.50
N MET A 41 6.48 1.61 -0.30
CA MET A 41 7.30 2.12 0.75
C MET A 41 8.81 2.17 0.42
N VAL A 42 9.36 1.12 -0.17
CA VAL A 42 10.80 1.05 -0.45
C VAL A 42 11.14 1.98 -1.61
N ALA A 43 10.29 2.02 -2.64
CA ALA A 43 10.54 2.84 -3.83
C ALA A 43 10.56 4.33 -3.45
N HIS A 44 9.51 4.75 -2.74
CA HIS A 44 9.45 6.09 -2.13
C HIS A 44 10.76 6.40 -1.34
N ALA A 45 11.15 5.50 -0.44
CA ALA A 45 12.37 5.67 0.34
C ALA A 45 13.54 5.82 -0.55
N LEU A 46 13.63 4.98 -1.58
CA LEU A 46 14.78 5.11 -2.45
C LEU A 46 14.82 6.45 -3.20
N ALA A 47 13.64 6.84 -3.72
CA ALA A 47 13.47 8.12 -4.39
C ALA A 47 13.92 9.23 -3.46
N ALA A 48 13.42 9.22 -2.22
CA ALA A 48 13.69 10.30 -1.28
C ALA A 48 15.17 10.36 -0.87
N ILE A 49 15.77 9.20 -0.72
CA ILE A 49 17.21 9.12 -0.42
C ILE A 49 18.07 9.78 -1.55
N LYS A 50 17.74 9.38 -2.77
CA LYS A 50 18.41 9.88 -3.97
C LYS A 50 18.37 11.40 -3.98
N ASN A 51 17.19 11.95 -3.83
CA ASN A 51 16.94 13.39 -3.74
C ASN A 51 17.76 14.05 -2.62
N ARG A 52 17.62 13.52 -1.42
CA ARG A 52 18.23 14.13 -0.24
C ARG A 52 19.76 13.99 -0.21
N LYS A 53 20.29 12.84 -0.61
CA LYS A 53 21.75 12.56 -0.51
C LYS A 53 22.51 12.60 -1.81
N PHE A 54 21.85 12.31 -2.92
CA PHE A 54 22.62 11.97 -4.13
C PHE A 54 22.26 12.81 -5.36
N GLY A 55 21.86 14.05 -5.14
CA GLY A 55 21.52 14.96 -6.26
C GLY A 55 20.28 14.66 -7.10
N GLY A 56 19.39 13.83 -6.59
CA GLY A 56 18.14 13.51 -7.28
C GLY A 56 17.14 14.65 -7.41
N ASN A 57 16.26 14.54 -8.41
CA ASN A 57 15.22 15.51 -8.66
C ASN A 57 13.96 14.78 -9.12
N VAL A 58 13.58 13.75 -8.38
CA VAL A 58 12.51 12.84 -8.78
C VAL A 58 11.34 13.10 -7.84
N ASN A 59 10.15 12.84 -8.35
CA ASN A 59 8.93 12.93 -7.58
C ASN A 59 8.71 11.58 -6.84
N ALA A 60 9.01 11.63 -5.55
CA ALA A 60 8.99 10.44 -4.69
C ALA A 60 7.55 9.96 -4.40
N GLU A 61 6.62 10.89 -4.39
CA GLU A 61 5.18 10.60 -4.19
C GLU A 61 4.56 9.91 -5.39
N ARG A 62 4.86 10.45 -6.57
CA ARG A 62 4.51 9.77 -7.81
C ARG A 62 5.08 8.37 -7.85
N ILE A 63 6.33 8.22 -7.45
CA ILE A 63 6.96 6.93 -7.41
C ILE A 63 6.23 5.98 -6.46
N ALA A 64 5.80 6.43 -5.29
CA ALA A 64 4.92 5.63 -4.39
C ALA A 64 3.71 5.13 -5.11
N LEU A 65 3.01 6.07 -5.77
CA LEU A 65 1.75 5.77 -6.43
C LEU A 65 1.97 4.76 -7.55
N LEU A 66 3.00 4.98 -8.38
CA LEU A 66 3.36 3.96 -9.41
C LEU A 66 3.57 2.60 -8.78
N ALA A 67 4.37 2.52 -7.72
CA ALA A 67 4.68 1.24 -7.11
C ALA A 67 3.42 0.61 -6.55
N MET A 68 2.47 1.41 -6.10
CA MET A 68 1.24 0.81 -5.52
C MET A 68 0.53 -0.08 -6.54
N TYR A 69 0.54 0.40 -7.79
CA TYR A 69 -0.19 -0.23 -8.89
C TYR A 69 0.71 -1.07 -9.80
N HIS A 70 2.00 -1.25 -9.47
CA HIS A 70 2.94 -1.89 -10.41
C HIS A 70 2.59 -3.33 -10.81
N ASP A 71 1.86 -4.07 -9.95
CA ASP A 71 1.46 -5.51 -10.19
C ASP A 71 -0.07 -5.66 -10.17
N ALA A 72 -0.80 -4.57 -10.41
CA ALA A 72 -2.23 -4.56 -10.26
C ALA A 72 -2.96 -5.58 -11.16
N SER A 73 -2.44 -5.81 -12.36
CA SER A 73 -3.05 -6.71 -13.33
C SER A 73 -2.99 -8.16 -12.93
N ALA A 74 -2.17 -8.47 -11.92
CA ALA A 74 -2.10 -9.81 -11.31
C ALA A 74 -3.49 -10.27 -10.84
N VAL A 75 -4.41 -9.34 -10.55
CA VAL A 75 -5.77 -9.77 -10.20
C VAL A 75 -6.52 -10.46 -11.32
N LEU A 76 -6.12 -10.20 -12.57
CA LEU A 76 -6.75 -10.83 -13.74
C LEU A 76 -6.00 -12.08 -14.23
N THR A 77 -4.72 -12.17 -13.91
CA THR A 77 -3.87 -13.22 -14.45
C THR A 77 -3.40 -14.21 -13.42
N GLY A 78 -3.39 -13.81 -12.14
CA GLY A 78 -2.61 -14.51 -11.12
C GLY A 78 -1.11 -14.16 -11.14
N ASP A 79 -0.41 -14.67 -10.14
CA ASP A 79 1.01 -14.46 -10.02
C ASP A 79 1.66 -15.22 -11.18
N LEU A 80 2.65 -14.61 -11.78
CA LEU A 80 3.32 -15.19 -12.91
C LEU A 80 4.80 -15.38 -12.46
N PRO A 81 5.22 -16.59 -12.04
CA PRO A 81 6.58 -16.64 -11.46
C PRO A 81 7.63 -16.40 -12.53
N THR A 82 8.60 -15.54 -12.22
CA THR A 82 9.70 -15.23 -13.13
C THR A 82 10.53 -16.47 -13.42
N GLU A 94 6.66 -14.59 -22.85
CA GLU A 94 5.53 -13.67 -23.08
C GLU A 94 4.41 -13.82 -22.01
N TYR A 95 4.89 -13.92 -20.77
CA TYR A 95 4.19 -13.40 -19.65
C TYR A 95 4.03 -11.87 -19.92
N LYS A 96 4.87 -11.27 -20.77
CA LYS A 96 4.74 -9.85 -21.11
C LYS A 96 3.47 -9.58 -21.93
N ALA A 97 3.10 -10.55 -22.78
CA ALA A 97 1.85 -10.45 -23.54
C ALA A 97 0.63 -10.56 -22.63
N ILE A 98 0.64 -11.57 -21.78
CA ILE A 98 -0.48 -11.80 -20.86
C ILE A 98 -0.75 -10.51 -20.06
N GLU A 99 0.31 -10.05 -19.40
CA GLU A 99 0.41 -8.78 -18.65
C GLU A 99 -0.20 -7.54 -19.38
N LYS A 100 0.24 -7.30 -20.61
CA LYS A 100 -0.22 -6.19 -21.41
C LYS A 100 -1.74 -6.30 -21.62
N ILE A 101 -2.26 -7.52 -21.73
CA ILE A 101 -3.69 -7.69 -21.95
C ILE A 101 -4.48 -7.41 -20.68
N ALA A 102 -3.99 -7.95 -19.56
CA ALA A 102 -4.63 -7.77 -18.28
C ALA A 102 -4.70 -6.27 -17.91
N GLN A 103 -3.57 -5.57 -18.11
CA GLN A 103 -3.50 -4.11 -17.89
C GLN A 103 -4.62 -3.43 -18.63
N GLN A 104 -4.69 -3.72 -19.92
CA GLN A 104 -5.67 -3.07 -20.76
C GLN A 104 -7.12 -3.36 -20.34
N LYS A 105 -7.36 -4.61 -19.96
CA LYS A 105 -8.65 -5.00 -19.41
C LYS A 105 -8.97 -4.21 -18.14
N LEU A 106 -7.96 -4.03 -17.30
CA LEU A 106 -8.14 -3.30 -16.03
C LEU A 106 -8.42 -1.82 -16.35
N VAL A 107 -7.69 -1.25 -17.29
CA VAL A 107 -7.94 0.12 -17.75
C VAL A 107 -9.36 0.32 -18.37
N ASP A 108 -9.83 -0.61 -19.17
CA ASP A 108 -11.17 -0.51 -19.75
C ASP A 108 -12.30 -0.45 -18.71
N MET A 109 -12.02 -0.93 -17.51
CA MET A 109 -12.99 -0.97 -16.39
C MET A 109 -13.18 0.37 -15.71
N VAL A 110 -12.10 1.17 -15.73
CA VAL A 110 -12.08 2.51 -15.16
C VAL A 110 -13.14 3.42 -15.82
N PRO A 111 -13.91 4.15 -15.00
CA PRO A 111 -14.90 5.00 -15.68
C PRO A 111 -14.09 5.97 -16.55
N GLU A 112 -14.53 6.03 -17.79
CA GLU A 112 -14.02 6.86 -18.85
C GLU A 112 -13.51 8.24 -18.42
N GLU A 113 -14.37 9.01 -17.74
CA GLU A 113 -14.02 10.32 -17.19
C GLU A 113 -12.77 10.37 -16.24
N LEU A 114 -12.34 9.23 -15.70
CA LEU A 114 -11.20 9.13 -14.85
C LEU A 114 -10.05 8.29 -15.44
N ARG A 115 -10.22 7.80 -16.67
CA ARG A 115 -9.24 6.85 -17.27
C ARG A 115 -7.84 7.42 -17.41
N ASP A 116 -7.77 8.68 -17.79
CA ASP A 116 -6.48 9.38 -17.90
C ASP A 116 -5.73 9.42 -16.60
N ILE A 117 -6.44 9.32 -15.47
CA ILE A 117 -5.76 9.33 -14.18
C ILE A 117 -5.07 8.00 -13.88
N PHE A 118 -5.79 6.90 -14.13
CA PHE A 118 -5.39 5.53 -13.73
C PHE A 118 -4.68 4.71 -14.79
N ALA A 119 -5.06 4.94 -16.04
CA ALA A 119 -4.45 4.22 -17.15
C ALA A 119 -2.93 4.27 -17.04
N PRO A 120 -2.35 5.46 -16.92
CA PRO A 120 -0.86 5.43 -16.77
C PRO A 120 -0.33 4.63 -15.57
N LEU A 121 -1.13 4.56 -14.49
CA LEU A 121 -0.73 3.83 -13.33
C LEU A 121 -0.72 2.31 -13.60
N ILE A 122 -1.80 1.84 -14.23
CA ILE A 122 -2.00 0.44 -14.63
C ILE A 122 -1.04 0.03 -15.76
N ASP A 123 -1.19 0.66 -16.92
CA ASP A 123 -0.33 0.33 -18.08
C ASP A 123 0.87 1.02 -17.63
N GLU A 124 2.04 0.78 -18.11
CA GLU A 124 3.11 1.48 -17.36
C GLU A 124 3.93 2.17 -18.38
N HIS A 125 3.22 2.92 -19.21
CA HIS A 125 3.81 3.28 -20.49
C HIS A 125 4.57 4.60 -20.34
N ALA A 126 4.22 5.37 -19.31
CA ALA A 126 4.77 6.70 -19.16
C ALA A 126 5.69 6.89 -17.96
N TYR A 127 6.24 5.79 -17.44
CA TYR A 127 7.33 5.88 -16.46
C TYR A 127 8.53 6.60 -17.08
N SER A 128 9.06 7.63 -16.44
CA SER A 128 10.41 8.07 -16.78
C SER A 128 11.40 6.92 -16.60
N ASP A 129 12.55 7.05 -17.23
CA ASP A 129 13.68 6.13 -16.97
C ASP A 129 14.06 5.98 -15.48
N GLU A 130 14.14 7.10 -14.77
CA GLU A 130 14.52 7.11 -13.35
C GLU A 130 13.48 6.31 -12.55
N GLU A 131 12.21 6.47 -12.93
CA GLU A 131 11.12 5.93 -12.15
C GLU A 131 11.12 4.44 -12.32
N LYS A 132 11.26 3.98 -13.57
CA LYS A 132 11.47 2.54 -13.86
C LYS A 132 12.61 1.99 -13.01
N SER A 133 13.74 2.69 -13.00
CA SER A 133 14.91 2.18 -12.26
C SER A 133 14.57 2.06 -10.76
N LEU A 134 13.94 3.08 -10.19
CA LEU A 134 13.67 3.07 -8.76
C LEU A 134 12.62 2.02 -8.38
N VAL A 135 11.58 1.89 -9.20
CA VAL A 135 10.53 0.92 -8.88
C VAL A 135 11.08 -0.52 -9.00
N LYS A 136 11.95 -0.76 -9.98
CA LYS A 136 12.55 -2.06 -10.26
C LYS A 136 13.63 -2.36 -9.27
N GLN A 137 14.33 -1.33 -8.78
CA GLN A 137 15.24 -1.57 -7.62
C GLN A 137 14.36 -1.98 -6.40
N ALA A 138 13.27 -1.27 -6.17
CA ALA A 138 12.42 -1.57 -5.03
C ALA A 138 11.81 -2.98 -5.09
N ASP A 139 11.43 -3.40 -6.29
CA ASP A 139 10.80 -4.69 -6.47
C ASP A 139 11.82 -5.81 -6.19
N ALA A 140 13.06 -5.63 -6.65
CA ALA A 140 14.09 -6.63 -6.40
C ALA A 140 14.45 -6.65 -4.93
N LEU A 141 14.59 -5.48 -4.30
CA LEU A 141 14.92 -5.39 -2.86
C LEU A 141 13.88 -6.09 -1.99
N CYS A 142 12.61 -5.86 -2.34
CA CYS A 142 11.49 -6.46 -1.63
C CYS A 142 11.47 -8.00 -1.72
N ALA A 143 11.84 -8.52 -2.89
CA ALA A 143 11.99 -9.95 -3.04
C ALA A 143 13.17 -10.43 -2.18
N TYR A 144 14.23 -9.59 -2.12
CA TYR A 144 15.39 -9.98 -1.39
C TYR A 144 15.07 -9.96 0.10
N LEU A 145 14.33 -8.98 0.56
CA LEU A 145 13.88 -8.95 1.98
C LEU A 145 13.05 -10.21 2.38
N LYS A 146 12.15 -10.60 1.50
CA LYS A 146 11.37 -11.83 1.65
C LYS A 146 12.21 -13.10 1.85
N CYS A 147 13.26 -13.25 1.04
CA CYS A 147 14.30 -14.29 1.25
C CYS A 147 14.98 -14.26 2.62
N LEU A 148 15.31 -13.07 3.09
CA LEU A 148 15.96 -12.96 4.39
C LEU A 148 15.00 -13.38 5.49
N GLU A 149 13.72 -13.02 5.35
CA GLU A 149 12.69 -13.29 6.35
C GLU A 149 12.49 -14.78 6.39
N GLU A 150 12.36 -15.42 5.22
CA GLU A 150 12.26 -16.87 5.15
C GLU A 150 13.51 -17.57 5.69
N LEU A 151 14.69 -17.09 5.30
CA LEU A 151 15.93 -17.67 5.80
C LEU A 151 16.04 -17.48 7.32
N ALA A 152 15.57 -16.34 7.84
CA ALA A 152 15.57 -16.12 9.27
C ALA A 152 14.69 -17.14 10.01
N ALA A 153 13.60 -17.55 9.39
CA ALA A 153 12.75 -18.58 10.00
C ALA A 153 13.22 -20.02 9.72
N GLY A 154 14.47 -20.21 9.30
CA GLY A 154 14.97 -21.54 8.94
C GLY A 154 14.38 -22.21 7.67
N ASN A 155 13.88 -21.43 6.68
CA ASN A 155 13.43 -22.02 5.39
C ASN A 155 14.51 -21.90 4.30
N ASN A 156 15.30 -22.96 4.09
CA ASN A 156 16.39 -22.99 3.11
C ASN A 156 15.96 -23.04 1.64
N GLU A 157 14.68 -23.20 1.39
CA GLU A 157 14.14 -23.16 0.04
C GLU A 157 14.29 -21.77 -0.63
N PHE A 158 14.57 -20.76 0.16
CA PHE A 158 14.76 -19.42 -0.36
C PHE A 158 16.25 -19.09 -0.51
N LEU A 159 17.09 -20.09 -0.40
CA LEU A 159 18.53 -19.88 -0.33
C LEU A 159 19.03 -19.49 -1.72
N LEU A 160 18.72 -20.32 -2.71
CA LEU A 160 19.10 -20.02 -4.10
C LEU A 160 18.62 -18.65 -4.51
N ALA A 161 17.32 -18.41 -4.36
CA ALA A 161 16.73 -17.14 -4.66
C ALA A 161 17.50 -15.94 -4.09
N LYS A 162 17.90 -16.02 -2.83
CA LYS A 162 18.65 -14.96 -2.18
C LYS A 162 19.90 -14.70 -3.00
N THR A 163 20.59 -15.78 -3.38
CA THR A 163 21.84 -15.68 -4.16
C THR A 163 21.60 -15.03 -5.55
N ARG A 164 20.52 -15.44 -6.22
CA ARG A 164 20.15 -14.86 -7.50
C ARG A 164 19.83 -13.39 -7.36
N LEU A 165 19.03 -13.01 -6.35
CA LEU A 165 18.64 -11.61 -6.20
C LEU A 165 19.78 -10.68 -5.88
N GLU A 166 20.79 -11.17 -5.15
CA GLU A 166 22.04 -10.42 -4.97
C GLU A 166 22.66 -10.07 -6.34
N ALA A 167 22.44 -10.92 -7.34
CA ALA A 167 22.82 -10.61 -8.72
C ALA A 167 21.83 -9.65 -9.42
N THR A 168 20.54 -9.78 -9.16
CA THR A 168 19.61 -8.75 -9.68
C THR A 168 19.97 -7.38 -9.08
N LEU A 169 20.30 -7.35 -7.78
CA LEU A 169 20.55 -6.09 -7.07
C LEU A 169 21.87 -5.43 -7.53
N GLU A 170 22.86 -6.28 -7.79
CA GLU A 170 24.15 -5.81 -8.31
C GLU A 170 23.99 -5.16 -9.69
N ALA A 171 23.22 -5.79 -10.58
CA ALA A 171 22.99 -5.24 -11.91
C ALA A 171 22.19 -3.92 -11.87
N ARG A 172 21.31 -3.80 -10.89
CA ARG A 172 20.50 -2.58 -10.73
C ARG A 172 21.07 -1.59 -9.71
N ARG A 173 22.30 -1.83 -9.28
CA ARG A 173 22.96 -1.10 -8.22
C ARG A 173 22.91 0.39 -8.44
N SER A 174 22.77 1.13 -7.33
CA SER A 174 22.68 2.58 -7.32
C SER A 174 23.18 3.06 -5.96
N GLN A 175 23.59 4.32 -5.91
CA GLN A 175 23.96 4.92 -4.65
C GLN A 175 22.87 4.80 -3.61
N GLU A 176 21.63 5.06 -4.02
CA GLU A 176 20.50 4.99 -3.08
C GLU A 176 20.22 3.58 -2.59
N MET A 177 20.28 2.59 -3.47
CA MET A 177 20.23 1.19 -3.06
C MET A 177 21.31 0.86 -2.02
N ASP A 178 22.55 1.26 -2.29
CA ASP A 178 23.65 1.05 -1.34
C ASP A 178 23.29 1.66 0.01
N TYR A 179 22.73 2.88 -0.01
CA TYR A 179 22.40 3.53 1.24
C TYR A 179 21.36 2.67 1.99
N PHE A 180 20.33 2.29 1.26
CA PHE A 180 19.26 1.47 1.84
C PHE A 180 19.75 0.14 2.45
N MET A 181 20.57 -0.58 1.72
CA MET A 181 21.16 -1.83 2.20
C MET A 181 21.99 -1.67 3.47
N GLU A 182 22.77 -0.59 3.56
CA GLU A 182 23.67 -0.40 4.70
C GLU A 182 22.90 0.02 5.94
N ILE A 183 21.85 0.79 5.74
CA ILE A 183 21.21 1.44 6.84
C ILE A 183 19.97 0.71 7.33
N PHE A 184 19.13 0.18 6.41
CA PHE A 184 17.88 -0.41 6.77
C PHE A 184 17.86 -1.94 6.71
N VAL A 185 18.70 -2.56 5.89
CA VAL A 185 18.58 -4.02 5.69
C VAL A 185 19.24 -4.90 6.75
N PRO A 186 20.34 -4.44 7.42
CA PRO A 186 20.84 -5.32 8.45
C PRO A 186 19.82 -5.72 9.51
N SER A 187 19.01 -4.78 10.00
CA SER A 187 17.88 -5.09 10.88
C SER A 187 16.98 -6.26 10.39
N PHE A 188 17.02 -6.62 9.11
CA PHE A 188 16.38 -7.86 8.64
C PHE A 188 17.22 -9.17 8.74
N HIS A 189 18.54 -9.10 8.77
CA HIS A 189 19.35 -10.32 9.04
C HIS A 189 19.75 -10.40 10.50
N LYS B 4 25.61 3.29 12.36
CA LYS B 4 24.26 3.30 12.99
C LYS B 4 23.21 2.87 11.94
N GLN B 5 22.62 1.71 12.20
CA GLN B 5 21.62 1.14 11.34
C GLN B 5 20.27 1.54 11.95
N SER B 6 19.25 1.55 11.11
CA SER B 6 17.96 1.95 11.54
C SER B 6 17.03 0.76 11.42
N HIS B 7 16.15 0.61 12.43
CA HIS B 7 15.17 -0.47 12.57
C HIS B 7 13.86 -0.09 11.94
N PHE B 8 13.82 1.06 11.30
CA PHE B 8 12.57 1.59 10.82
C PHE B 8 11.84 0.69 9.84
N PHE B 9 12.50 0.25 8.77
CA PHE B 9 11.85 -0.63 7.79
C PHE B 9 11.62 -2.06 8.31
N ALA B 10 12.53 -2.52 9.17
CA ALA B 10 12.35 -3.79 9.90
C ALA B 10 10.98 -3.78 10.62
N HIS B 11 10.67 -2.68 11.28
CA HIS B 11 9.38 -2.57 11.94
C HIS B 11 8.22 -2.44 10.93
N LEU B 12 8.41 -1.68 9.86
CA LEU B 12 7.35 -1.56 8.87
C LEU B 12 7.03 -2.86 8.18
N SER B 13 8.04 -3.70 7.99
CA SER B 13 7.81 -5.09 7.50
C SER B 13 6.80 -5.94 8.33
N ARG B 14 6.60 -5.62 9.60
CA ARG B 14 5.64 -6.35 10.46
C ARG B 14 4.18 -5.93 10.38
N LEU B 15 3.91 -4.89 9.63
CA LEU B 15 2.53 -4.52 9.33
C LEU B 15 1.62 -5.65 8.87
N LYS B 16 2.21 -6.51 8.03
CA LYS B 16 1.47 -7.62 7.45
C LYS B 16 1.13 -8.68 8.50
N LEU B 17 1.86 -8.69 9.63
CA LEU B 17 1.53 -9.55 10.78
C LEU B 17 0.31 -9.09 11.59
N ILE B 18 -0.11 -7.81 11.48
CA ILE B 18 -1.08 -7.28 12.43
C ILE B 18 -2.44 -7.48 11.88
N ASN B 19 -3.24 -8.24 12.58
CA ASN B 19 -4.51 -8.61 12.09
C ASN B 19 -5.57 -7.67 12.58
N ARG B 20 -6.59 -7.47 11.74
CA ARG B 20 -7.64 -6.48 12.01
C ARG B 20 -8.94 -7.21 12.34
N TRP B 21 -9.96 -6.46 12.76
CA TRP B 21 -11.27 -7.03 13.14
C TRP B 21 -11.25 -8.30 14.03
N PRO B 22 -10.51 -8.25 15.17
CA PRO B 22 -10.29 -9.47 15.97
C PRO B 22 -11.53 -10.01 16.67
N LEU B 23 -12.58 -9.21 16.78
CA LEU B 23 -13.71 -9.58 17.62
C LEU B 23 -14.75 -10.39 16.89
N MET B 24 -14.55 -10.58 15.60
CA MET B 24 -15.51 -11.35 14.83
C MET B 24 -14.82 -12.48 14.16
N ARG B 25 -15.61 -13.50 13.87
CA ARG B 25 -15.22 -14.48 12.86
C ARG B 25 -15.08 -13.75 11.54
N ASN B 26 -13.95 -13.94 10.89
CA ASN B 26 -13.68 -13.43 9.60
C ASN B 26 -13.66 -14.60 8.61
N VAL B 27 -14.35 -14.46 7.48
CA VAL B 27 -14.24 -15.42 6.40
C VAL B 27 -12.78 -15.37 5.90
N ARG B 28 -12.22 -14.16 5.85
CA ARG B 28 -10.84 -13.96 5.56
C ARG B 28 -10.24 -12.88 6.47
N THR B 29 -9.13 -13.23 7.11
CA THR B 29 -8.46 -12.31 8.04
C THR B 29 -7.67 -11.28 7.25
N GLU B 30 -7.97 -10.02 7.53
CA GLU B 30 -7.28 -8.88 6.98
C GLU B 30 -6.16 -8.41 7.91
N ASN B 31 -5.03 -8.12 7.32
CA ASN B 31 -3.97 -7.48 8.05
C ASN B 31 -3.82 -5.97 7.73
N VAL B 32 -2.97 -5.34 8.54
CA VAL B 32 -2.87 -3.90 8.43
C VAL B 32 -2.23 -3.50 7.11
N SER B 33 -1.41 -4.38 6.59
CA SER B 33 -0.71 -4.09 5.37
C SER B 33 -1.63 -4.07 4.16
N GLU B 34 -2.47 -5.09 4.03
CA GLU B 34 -3.62 -5.10 3.06
C GLU B 34 -4.62 -3.92 3.20
N HIS B 35 -4.96 -3.59 4.44
CA HIS B 35 -5.83 -2.45 4.69
C HIS B 35 -5.20 -1.15 4.18
N SER B 36 -3.93 -0.94 4.49
CA SER B 36 -3.21 0.30 4.22
C SER B 36 -3.03 0.52 2.71
N LEU B 37 -2.75 -0.57 2.00
CA LEU B 37 -2.72 -0.49 0.55
C LEU B 37 -4.13 -0.14 0.01
N GLN B 38 -5.18 -0.68 0.60
CA GLN B 38 -6.52 -0.35 0.06
C GLN B 38 -6.95 1.08 0.38
N VAL B 39 -6.57 1.55 1.58
CA VAL B 39 -6.92 2.93 2.02
C VAL B 39 -6.18 3.92 1.11
N ALA B 40 -4.94 3.61 0.74
CA ALA B 40 -4.11 4.42 -0.13
C ALA B 40 -4.69 4.54 -1.50
N MET B 41 -5.19 3.41 -2.00
CA MET B 41 -5.83 3.43 -3.32
C MET B 41 -7.15 4.18 -3.35
N VAL B 42 -7.95 3.95 -2.34
CA VAL B 42 -9.17 4.68 -2.14
C VAL B 42 -8.99 6.17 -1.86
N ALA B 43 -8.15 6.55 -0.89
CA ALA B 43 -7.85 7.99 -0.61
C ALA B 43 -7.23 8.71 -1.84
N HIS B 44 -6.36 8.05 -2.57
CA HIS B 44 -5.91 8.66 -3.82
C HIS B 44 -7.07 8.89 -4.80
N ALA B 45 -7.92 7.89 -5.01
CA ALA B 45 -9.04 8.04 -5.92
C ALA B 45 -9.99 9.14 -5.48
N LEU B 46 -10.31 9.20 -4.21
CA LEU B 46 -11.24 10.23 -3.68
C LEU B 46 -10.70 11.62 -3.96
N ALA B 47 -9.37 11.78 -3.80
CA ALA B 47 -8.68 13.02 -4.05
C ALA B 47 -8.70 13.40 -5.56
N ALA B 48 -8.46 12.40 -6.41
CA ALA B 48 -8.44 12.67 -7.85
C ALA B 48 -9.83 13.03 -8.32
N ILE B 49 -10.85 12.38 -7.75
CA ILE B 49 -12.25 12.71 -8.09
C ILE B 49 -12.59 14.14 -7.64
N LYS B 50 -12.17 14.47 -6.44
CA LYS B 50 -12.35 15.82 -5.88
C LYS B 50 -11.75 16.89 -6.78
N ASN B 51 -10.47 16.69 -7.09
CA ASN B 51 -9.78 17.55 -8.02
C ASN B 51 -10.46 17.65 -9.37
N ARG B 52 -10.73 16.50 -9.96
CA ARG B 52 -11.32 16.45 -11.26
C ARG B 52 -12.72 17.06 -11.35
N LYS B 53 -13.58 16.71 -10.42
CA LYS B 53 -14.97 17.03 -10.52
C LYS B 53 -15.48 18.01 -9.51
N PHE B 54 -14.77 18.24 -8.40
CA PHE B 54 -15.42 19.04 -7.32
C PHE B 54 -14.64 20.26 -6.80
N GLY B 55 -13.77 20.84 -7.63
CA GLY B 55 -13.14 22.13 -7.27
C GLY B 55 -11.89 21.93 -6.41
N GLY B 56 -11.48 20.67 -6.25
CA GLY B 56 -10.37 20.38 -5.37
C GLY B 56 -9.08 20.90 -5.90
N ASN B 57 -8.17 21.07 -4.95
CA ASN B 57 -6.79 21.41 -5.23
C ASN B 57 -5.84 20.69 -4.27
N VAL B 58 -6.11 19.42 -3.99
CA VAL B 58 -5.34 18.65 -3.00
C VAL B 58 -4.27 17.85 -3.71
N ASN B 59 -3.11 17.62 -3.06
CA ASN B 59 -2.10 16.75 -3.64
C ASN B 59 -2.46 15.29 -3.41
N ALA B 60 -3.04 14.71 -4.44
CA ALA B 60 -3.54 13.35 -4.40
C ALA B 60 -2.40 12.31 -4.21
N GLU B 61 -1.26 12.52 -4.82
CA GLU B 61 -0.12 11.60 -4.66
C GLU B 61 0.39 11.61 -3.21
N ARG B 62 0.45 12.81 -2.66
CA ARG B 62 0.74 12.98 -1.26
C ARG B 62 -0.26 12.21 -0.36
N ILE B 63 -1.54 12.27 -0.73
CA ILE B 63 -2.58 11.60 0.00
C ILE B 63 -2.46 10.07 -0.06
N ALA B 64 -2.04 9.52 -1.18
CA ALA B 64 -1.71 8.07 -1.23
C ALA B 64 -0.62 7.66 -0.26
N LEU B 65 0.49 8.37 -0.27
CA LEU B 65 1.55 8.13 0.70
C LEU B 65 1.08 8.30 2.21
N LEU B 66 0.32 9.34 2.55
CA LEU B 66 -0.23 9.41 3.91
C LEU B 66 -1.13 8.22 4.24
N ALA B 67 -1.97 7.83 3.28
CA ALA B 67 -2.75 6.63 3.46
C ALA B 67 -1.90 5.38 3.67
N MET B 68 -0.71 5.29 3.03
CA MET B 68 0.13 4.12 3.17
C MET B 68 0.59 3.95 4.59
N TYR B 69 0.82 5.08 5.25
CA TYR B 69 1.39 5.14 6.58
C TYR B 69 0.42 5.41 7.75
N HIS B 70 -0.87 5.56 7.46
CA HIS B 70 -1.85 6.08 8.42
C HIS B 70 -2.00 5.18 9.63
N ASP B 71 -1.70 3.87 9.51
CA ASP B 71 -1.84 2.94 10.67
C ASP B 71 -0.51 2.34 11.01
N ALA B 72 0.58 3.01 10.63
CA ALA B 72 1.94 2.44 10.75
C ALA B 72 2.34 2.13 12.18
N SER B 73 1.81 2.92 13.12
CA SER B 73 2.12 2.76 14.56
C SER B 73 1.52 1.46 15.15
N ALA B 74 0.61 0.81 14.42
CA ALA B 74 0.07 -0.52 14.80
C ALA B 74 1.16 -1.54 15.02
N VAL B 75 2.29 -1.38 14.34
CA VAL B 75 3.40 -2.31 14.55
C VAL B 75 4.03 -2.20 15.92
N LEU B 76 3.76 -1.11 16.61
CA LEU B 76 4.25 -0.92 17.98
C LEU B 76 3.15 -1.21 19.01
N THR B 77 1.89 -0.90 18.65
CA THR B 77 0.81 -0.91 19.61
C THR B 77 -0.09 -2.16 19.50
N GLY B 78 -0.16 -2.74 18.30
CA GLY B 78 -1.19 -3.74 17.94
C GLY B 78 -2.44 -3.02 17.46
N ASP B 79 -3.34 -3.77 16.89
CA ASP B 79 -4.58 -3.20 16.43
C ASP B 79 -5.45 -3.07 17.70
N LEU B 80 -6.24 -1.99 17.81
CA LEU B 80 -7.25 -1.92 18.86
C LEU B 80 -8.57 -1.59 18.19
N PRO B 81 -9.55 -2.50 18.34
CA PRO B 81 -10.77 -2.39 17.64
C PRO B 81 -11.48 -1.11 18.08
N THR B 82 -11.92 -0.33 17.11
CA THR B 82 -12.42 1.03 17.40
C THR B 82 -13.60 1.11 18.43
N PRO B 83 -14.49 0.11 18.47
CA PRO B 83 -15.46 0.15 19.57
C PRO B 83 -14.80 -0.05 20.96
N ALA B 92 -9.53 6.19 25.31
CA ALA B 92 -10.24 6.96 24.29
C ALA B 92 -9.34 8.13 23.89
N GLN B 93 -9.42 9.23 24.64
CA GLN B 93 -8.45 10.33 24.54
C GLN B 93 -7.07 9.81 24.90
N GLU B 94 -7.06 8.84 25.79
CA GLU B 94 -5.81 8.24 26.19
C GLU B 94 -5.18 7.45 25.06
N TYR B 95 -6.00 6.65 24.38
CA TYR B 95 -5.50 5.80 23.30
C TYR B 95 -4.94 6.68 22.15
N LYS B 96 -5.77 7.54 21.61
CA LYS B 96 -5.32 8.55 20.66
C LYS B 96 -3.95 9.14 21.05
N ALA B 97 -3.73 9.35 22.35
CA ALA B 97 -2.45 9.80 22.91
C ALA B 97 -1.30 8.77 22.78
N ILE B 98 -1.62 7.49 23.03
CA ILE B 98 -0.67 6.40 22.87
C ILE B 98 -0.27 6.25 21.41
N GLU B 99 -1.27 6.36 20.51
CA GLU B 99 -1.05 6.27 19.08
C GLU B 99 -0.05 7.34 18.71
N LYS B 100 -0.19 8.53 19.29
CA LYS B 100 0.73 9.62 18.94
C LYS B 100 2.13 9.37 19.46
N ILE B 101 2.26 8.69 20.58
CA ILE B 101 3.58 8.37 21.11
C ILE B 101 4.23 7.32 20.20
N ALA B 102 3.43 6.32 19.81
CA ALA B 102 3.92 5.28 18.91
C ALA B 102 4.37 5.88 17.54
N GLN B 103 3.54 6.76 16.97
CA GLN B 103 3.86 7.44 15.75
C GLN B 103 5.20 8.14 15.94
N GLN B 104 5.38 8.79 17.09
CA GLN B 104 6.61 9.54 17.37
C GLN B 104 7.83 8.65 17.55
N LYS B 105 7.68 7.51 18.23
CA LYS B 105 8.79 6.52 18.34
C LYS B 105 9.18 6.02 16.94
N LEU B 106 8.20 5.82 16.07
CA LEU B 106 8.55 5.35 14.74
C LEU B 106 9.38 6.40 14.01
N VAL B 107 8.93 7.67 14.07
CA VAL B 107 9.65 8.82 13.51
C VAL B 107 11.09 8.89 14.01
N ASP B 108 11.30 8.62 15.29
CA ASP B 108 12.62 8.76 15.91
C ASP B 108 13.59 7.68 15.42
N MET B 109 13.02 6.63 14.81
CA MET B 109 13.84 5.55 14.23
C MET B 109 14.46 5.92 12.87
N VAL B 110 13.78 6.80 12.11
CA VAL B 110 14.20 7.19 10.78
C VAL B 110 15.56 7.87 10.94
N PRO B 111 16.50 7.58 10.07
CA PRO B 111 17.77 8.33 10.22
C PRO B 111 17.52 9.88 10.17
N GLU B 112 18.37 10.61 10.88
CA GLU B 112 18.17 12.03 11.09
C GLU B 112 18.05 12.79 9.77
N GLU B 113 18.97 12.51 8.83
CA GLU B 113 19.03 13.20 7.54
C GLU B 113 17.76 12.93 6.71
N LEU B 114 16.96 11.94 7.11
CA LEU B 114 15.75 11.60 6.42
C LEU B 114 14.51 12.00 7.17
N ARG B 115 14.66 12.46 8.40
CA ARG B 115 13.53 12.43 9.30
C ARG B 115 12.38 13.33 8.82
N ASP B 116 12.73 14.42 8.17
CA ASP B 116 11.79 15.44 7.78
C ASP B 116 10.97 15.00 6.55
N ILE B 117 11.42 13.94 5.88
CA ILE B 117 10.62 13.29 4.81
C ILE B 117 9.47 12.46 5.40
N PHE B 118 9.78 11.74 6.47
CA PHE B 118 8.88 10.76 7.08
C PHE B 118 7.98 11.25 8.19
N ALA B 119 8.47 12.14 9.03
CA ALA B 119 7.60 12.71 10.09
C ALA B 119 6.20 13.16 9.55
N PRO B 120 6.18 13.97 8.49
CA PRO B 120 4.86 14.44 8.02
C PRO B 120 3.99 13.37 7.36
N LEU B 121 4.54 12.16 7.22
CA LEU B 121 3.81 11.02 6.71
C LEU B 121 3.28 10.19 7.84
N ILE B 122 4.10 9.99 8.88
CA ILE B 122 3.70 9.11 10.02
C ILE B 122 2.90 9.83 11.14
N ASP B 123 3.25 11.07 11.46
CA ASP B 123 2.70 11.81 12.60
C ASP B 123 1.40 12.36 12.12
N GLU B 124 0.24 11.91 12.66
CA GLU B 124 -1.08 12.41 12.12
C GLU B 124 -1.34 13.89 12.45
N HIS B 125 -0.54 14.51 13.32
CA HIS B 125 -0.66 15.96 13.47
C HIS B 125 -0.37 16.70 12.14
N ALA B 126 0.50 16.16 11.27
CA ALA B 126 0.94 16.85 10.05
C ALA B 126 -0.07 16.88 8.91
N TYR B 127 -1.20 16.19 9.05
CA TYR B 127 -2.18 16.11 7.98
C TYR B 127 -2.88 17.51 7.92
N SER B 128 -2.99 18.14 6.76
CA SER B 128 -3.91 19.31 6.63
C SER B 128 -5.35 18.93 6.92
N ASP B 129 -6.22 19.92 7.09
CA ASP B 129 -7.65 19.63 7.29
C ASP B 129 -8.22 18.77 6.14
N GLU B 130 -7.87 19.09 4.91
CA GLU B 130 -8.39 18.37 3.72
C GLU B 130 -7.82 16.95 3.59
N GLU B 131 -6.53 16.81 3.85
CA GLU B 131 -5.84 15.53 3.80
C GLU B 131 -6.41 14.58 4.83
N LYS B 132 -6.65 15.12 6.03
CA LYS B 132 -7.33 14.42 7.11
C LYS B 132 -8.72 13.89 6.71
N SER B 133 -9.55 14.77 6.19
CA SER B 133 -10.91 14.37 5.72
C SER B 133 -10.84 13.21 4.73
N LEU B 134 -10.02 13.35 3.68
CA LEU B 134 -9.90 12.35 2.66
C LEU B 134 -9.43 10.98 3.17
N VAL B 135 -8.37 10.95 3.99
CA VAL B 135 -7.89 9.70 4.56
C VAL B 135 -8.87 9.12 5.57
N LYS B 136 -9.58 9.93 6.36
CA LYS B 136 -10.66 9.39 7.21
C LYS B 136 -11.88 8.88 6.40
N GLN B 137 -12.20 9.58 5.35
CA GLN B 137 -13.25 9.08 4.38
C GLN B 137 -12.82 7.70 3.78
N ALA B 138 -11.57 7.63 3.29
CA ALA B 138 -11.06 6.34 2.76
C ALA B 138 -11.10 5.20 3.78
N ASP B 139 -10.64 5.49 4.99
CA ASP B 139 -10.55 4.48 6.06
C ASP B 139 -11.96 3.91 6.38
N ALA B 140 -12.92 4.81 6.51
CA ALA B 140 -14.29 4.40 6.80
C ALA B 140 -14.85 3.58 5.61
N LEU B 141 -14.57 4.02 4.39
CA LEU B 141 -15.04 3.28 3.19
C LEU B 141 -14.46 1.89 3.13
N CYS B 142 -13.15 1.79 3.35
CA CYS B 142 -12.46 0.51 3.39
C CYS B 142 -13.05 -0.44 4.43
N ALA B 143 -13.35 0.10 5.61
CA ALA B 143 -13.99 -0.69 6.60
C ALA B 143 -15.38 -1.11 6.10
N TYR B 144 -16.10 -0.22 5.45
CA TYR B 144 -17.39 -0.57 4.91
C TYR B 144 -17.29 -1.66 3.86
N LEU B 145 -16.25 -1.59 3.03
CA LEU B 145 -15.99 -2.57 1.97
C LEU B 145 -15.64 -3.96 2.52
N LYS B 146 -14.82 -3.97 3.57
CA LYS B 146 -14.57 -5.19 4.36
C LYS B 146 -15.87 -5.86 4.78
N CYS B 147 -16.78 -5.08 5.39
CA CYS B 147 -18.12 -5.58 5.78
C CYS B 147 -18.89 -6.17 4.63
N LEU B 148 -18.88 -5.46 3.49
CA LEU B 148 -19.59 -5.91 2.28
C LEU B 148 -19.03 -7.24 1.73
N GLU B 149 -17.70 -7.42 1.79
CA GLU B 149 -17.05 -8.67 1.38
C GLU B 149 -17.47 -9.82 2.27
N GLU B 150 -17.50 -9.54 3.55
CA GLU B 150 -17.87 -10.53 4.51
C GLU B 150 -19.36 -10.88 4.36
N LEU B 151 -20.20 -9.89 4.16
CA LEU B 151 -21.64 -10.17 4.00
C LEU B 151 -21.94 -10.92 2.68
N ALA B 152 -21.31 -10.54 1.59
CA ALA B 152 -21.36 -11.33 0.37
C ALA B 152 -20.85 -12.77 0.57
N ALA B 153 -19.89 -13.00 1.46
CA ALA B 153 -19.44 -14.35 1.78
C ALA B 153 -20.39 -15.04 2.73
N GLY B 154 -21.56 -14.47 2.96
CA GLY B 154 -22.54 -15.05 3.87
C GLY B 154 -22.30 -14.91 5.38
N ASN B 155 -21.46 -13.96 5.81
CA ASN B 155 -21.12 -13.80 7.22
C ASN B 155 -21.88 -12.62 7.86
N ASN B 156 -22.85 -12.91 8.73
CA ASN B 156 -23.68 -11.86 9.32
C ASN B 156 -23.09 -11.27 10.58
N GLU B 157 -21.89 -11.69 10.94
CA GLU B 157 -21.21 -11.05 12.07
C GLU B 157 -20.79 -9.63 11.78
N PHE B 158 -20.73 -9.29 10.50
CA PHE B 158 -20.39 -7.96 10.06
C PHE B 158 -21.61 -7.06 9.77
N LEU B 159 -22.83 -7.59 9.98
CA LEU B 159 -24.06 -6.85 9.75
C LEU B 159 -24.20 -5.60 10.61
N LEU B 160 -24.01 -5.77 11.92
CA LEU B 160 -23.90 -4.67 12.89
C LEU B 160 -22.94 -3.57 12.40
N ALA B 161 -21.75 -3.98 11.99
CA ALA B 161 -20.67 -3.04 11.70
C ALA B 161 -21.02 -2.26 10.43
N LYS B 162 -21.66 -2.94 9.49
CA LYS B 162 -22.02 -2.32 8.23
C LYS B 162 -22.95 -1.15 8.54
N THR B 163 -24.03 -1.48 9.25
CA THR B 163 -25.03 -0.49 9.64
C THR B 163 -24.38 0.72 10.35
N ARG B 164 -23.47 0.46 11.27
CA ARG B 164 -22.76 1.53 12.00
C ARG B 164 -21.84 2.35 11.11
N LEU B 165 -21.12 1.66 10.22
CA LEU B 165 -20.37 2.38 9.19
C LEU B 165 -21.28 3.21 8.25
N GLU B 166 -22.47 2.74 7.91
CA GLU B 166 -23.37 3.61 7.11
C GLU B 166 -23.58 5.01 7.75
N ALA B 167 -23.74 5.06 9.07
CA ALA B 167 -23.72 6.32 9.84
C ALA B 167 -22.38 7.08 9.80
N THR B 168 -21.27 6.43 10.06
CA THR B 168 -19.99 7.14 9.94
C THR B 168 -19.80 7.81 8.55
N LEU B 169 -20.12 7.07 7.47
CA LEU B 169 -19.92 7.57 6.10
C LEU B 169 -20.80 8.81 5.82
N GLU B 170 -22.06 8.78 6.26
CA GLU B 170 -22.91 9.99 6.18
C GLU B 170 -22.38 11.17 7.00
N ALA B 171 -21.81 10.90 8.18
CA ALA B 171 -21.07 11.93 8.93
C ALA B 171 -19.88 12.48 8.13
N ARG B 172 -19.20 11.63 7.38
CA ARG B 172 -18.05 12.11 6.61
C ARG B 172 -18.38 12.36 5.13
N ARG B 173 -19.68 12.42 4.84
CA ARG B 173 -20.20 12.62 3.50
C ARG B 173 -19.47 13.75 2.73
N SER B 174 -19.14 13.48 1.47
CA SER B 174 -18.66 14.49 0.51
C SER B 174 -19.19 14.12 -0.88
N GLN B 175 -19.01 15.04 -1.81
CA GLN B 175 -19.32 14.75 -3.22
C GLN B 175 -18.41 13.65 -3.76
N GLU B 176 -17.14 13.66 -3.39
CA GLU B 176 -16.26 12.66 -3.90
C GLU B 176 -16.57 11.25 -3.37
N MET B 177 -17.02 11.17 -2.11
CA MET B 177 -17.51 9.91 -1.55
C MET B 177 -18.80 9.45 -2.22
N ASP B 178 -19.72 10.39 -2.44
CA ASP B 178 -20.95 10.07 -3.10
C ASP B 178 -20.62 9.48 -4.48
N TYR B 179 -19.77 10.13 -5.26
CA TYR B 179 -19.39 9.60 -6.57
C TYR B 179 -18.81 8.18 -6.35
N PHE B 180 -17.97 8.06 -5.34
CA PHE B 180 -17.30 6.80 -5.12
C PHE B 180 -18.30 5.68 -4.80
N MET B 181 -19.21 5.96 -3.89
CA MET B 181 -20.23 5.01 -3.48
C MET B 181 -21.11 4.62 -4.70
N GLU B 182 -21.40 5.57 -5.57
CA GLU B 182 -22.35 5.33 -6.66
C GLU B 182 -21.74 4.45 -7.77
N ILE B 183 -20.41 4.55 -7.95
CA ILE B 183 -19.75 4.06 -9.14
C ILE B 183 -18.90 2.82 -8.86
N PHE B 184 -18.22 2.78 -7.72
CA PHE B 184 -17.37 1.67 -7.43
C PHE B 184 -17.87 0.66 -6.39
N VAL B 185 -18.83 1.04 -5.53
CA VAL B 185 -19.23 0.18 -4.39
C VAL B 185 -20.25 -0.95 -4.73
N PRO B 186 -21.19 -0.71 -5.69
CA PRO B 186 -22.17 -1.75 -6.01
C PRO B 186 -21.64 -3.09 -6.49
N SER B 187 -20.48 -3.10 -7.14
CA SER B 187 -19.73 -4.30 -7.51
C SER B 187 -19.19 -5.04 -6.27
N PHE B 188 -19.17 -4.39 -5.12
CA PHE B 188 -19.00 -5.11 -3.87
C PHE B 188 -20.32 -5.69 -3.30
N HIS B 189 -21.44 -5.04 -3.63
CA HIS B 189 -22.84 -5.51 -3.42
C HIS B 189 -23.53 -5.00 -2.15
#